data_6ZCJ
#
_entry.id   6ZCJ
#
_cell.length_a   82.098
_cell.length_b   111.876
_cell.length_c   62.400
_cell.angle_alpha   90.000
_cell.angle_beta   90.000
_cell.angle_gamma   90.000
#
_symmetry.space_group_name_H-M   'C 2 2 21'
#
loop_
_entity.id
_entity.type
_entity.pdbx_description
1 polymer '14-3-3 protein sigma'
2 polymer SLP76pS376
3 non-polymer 'MAGNESIUM ION'
4 water water
#
loop_
_entity_poly.entity_id
_entity_poly.type
_entity_poly.pdbx_seq_one_letter_code
_entity_poly.pdbx_strand_id
1 'polypeptide(L)'
;GAMGSMERASLIQKAKLAEQAERYEDMAAFMKGAVEKGEELSCEERNLLSVAYKNVVGGQRAAWRVLSSIEQKSNEEGSE
EKGPEVREYREKVETELQGVCDTVLGLLDSHLIKEAGDAESRVFYLKMKGDYYRYLAEVATGDDKKRIIDSARSAYQEAM
DISKKEMPPTNPIRLGLALNFSVFHYEIANSPEEAISLAKTTFDEAMADLHTLSEDSYKDSTLIMQLLRDNLTLWT
;
A
2 'polypeptide(L)' FPQSA(SEP)LPPY P
#
loop_
_chem_comp.id
_chem_comp.type
_chem_comp.name
_chem_comp.formula
MG non-polymer 'MAGNESIUM ION' 'Mg 2'
#
# COMPACT_ATOMS: atom_id res chain seq x y z
N GLY A 1 15.61 -0.70 -19.84
CA GLY A 1 14.19 -0.45 -19.64
C GLY A 1 13.52 -0.10 -20.94
N ALA A 2 12.39 -0.75 -21.23
CA ALA A 2 11.68 -0.51 -22.49
C ALA A 2 11.11 0.90 -22.59
N MET A 3 11.04 1.64 -21.48
CA MET A 3 10.57 3.03 -21.55
C MET A 3 11.70 4.04 -21.66
N GLY A 4 12.95 3.56 -21.77
CA GLY A 4 14.09 4.48 -21.78
C GLY A 4 14.10 5.48 -22.92
N SER A 5 13.45 5.15 -24.04
CA SER A 5 13.46 6.05 -25.19
C SER A 5 12.31 7.04 -25.19
N MET A 6 11.38 6.95 -24.23
CA MET A 6 10.22 7.83 -24.23
C MET A 6 10.46 9.01 -23.29
N GLU A 7 10.04 10.19 -23.74
CA GLU A 7 10.12 11.40 -22.90
C GLU A 7 9.40 11.22 -21.57
N ARG A 8 10.00 11.82 -20.53
CA ARG A 8 9.36 11.81 -19.22
C ARG A 8 7.93 12.32 -19.31
N ALA A 9 7.71 13.48 -19.97
CA ALA A 9 6.36 14.04 -20.00
C ALA A 9 5.40 13.11 -20.76
N SER A 10 5.89 12.47 -21.82
CA SER A 10 5.04 11.54 -22.58
C SER A 10 4.67 10.32 -21.74
N LEU A 11 5.59 9.83 -20.92
CA LEU A 11 5.26 8.73 -20.02
C LEU A 11 4.17 9.12 -19.04
N ILE A 12 4.26 10.32 -18.47
CA ILE A 12 3.23 10.79 -17.52
C ILE A 12 1.91 10.94 -18.23
N GLN A 13 1.92 11.57 -19.42
CA GLN A 13 0.69 11.71 -20.21
C GLN A 13 0.06 10.33 -20.49
N LYS A 14 0.89 9.36 -20.89
CA LYS A 14 0.34 8.04 -21.18
C LYS A 14 -0.11 7.31 -19.91
N ALA A 15 0.53 7.54 -18.76
CA ALA A 15 0.03 6.94 -17.53
C ALA A 15 -1.39 7.44 -17.23
N LYS A 16 -1.65 8.74 -17.49
CA LYS A 16 -2.99 9.26 -17.28
C LYS A 16 -4.00 8.66 -18.26
N LEU A 17 -3.61 8.46 -19.52
CA LEU A 17 -4.48 7.79 -20.49
C LEU A 17 -4.76 6.35 -20.06
N ALA A 18 -3.72 5.64 -19.61
CA ALA A 18 -3.90 4.27 -19.17
C ALA A 18 -4.84 4.20 -17.98
N GLU A 19 -4.75 5.16 -17.05
CA GLU A 19 -5.71 5.19 -15.94
C GLU A 19 -7.15 5.33 -16.46
N GLN A 20 -7.37 6.24 -17.42
CA GLN A 20 -8.73 6.40 -17.94
C GLN A 20 -9.22 5.15 -18.62
N ALA A 21 -8.31 4.40 -19.25
CA ALA A 21 -8.63 3.15 -19.92
C ALA A 21 -8.64 1.94 -18.98
N GLU A 22 -8.35 2.14 -17.69
CA GLU A 22 -8.28 1.03 -16.71
C GLU A 22 -7.25 -0.02 -17.13
N ARG A 23 -6.15 0.46 -17.72
CA ARG A 23 -5.03 -0.39 -18.14
C ARG A 23 -3.91 -0.18 -17.12
N TYR A 24 -4.07 -0.82 -15.95
CA TYR A 24 -3.19 -0.47 -14.84
C TYR A 24 -1.79 -1.06 -15.00
N GLU A 25 -1.65 -2.21 -15.66
CA GLU A 25 -0.31 -2.71 -15.93
CA GLU A 25 -0.31 -2.72 -15.94
C GLU A 25 0.46 -1.75 -16.83
N ASP A 26 -0.18 -1.24 -17.88
CA ASP A 26 0.46 -0.20 -18.70
C ASP A 26 0.78 1.03 -17.87
N MET A 27 -0.18 1.47 -17.06
CA MET A 27 0.02 2.64 -16.21
C MET A 27 1.27 2.47 -15.36
N ALA A 28 1.43 1.29 -14.75
CA ALA A 28 2.56 1.06 -13.88
C ALA A 28 3.86 1.06 -14.65
N ALA A 29 3.86 0.46 -15.84
CA ALA A 29 5.09 0.46 -16.63
C ALA A 29 5.47 1.88 -17.06
N PHE A 30 4.47 2.69 -17.40
CA PHE A 30 4.74 4.08 -17.77
C PHE A 30 5.34 4.82 -16.59
N MET A 31 4.75 4.65 -15.40
CA MET A 31 5.24 5.38 -14.23
C MET A 31 6.61 4.88 -13.77
N LYS A 32 6.86 3.57 -13.88
CA LYS A 32 8.22 3.06 -13.65
C LYS A 32 9.21 3.75 -14.58
N GLY A 33 8.85 3.85 -15.87
CA GLY A 33 9.70 4.57 -16.81
C GLY A 33 9.95 6.00 -16.37
N ALA A 34 8.91 6.68 -15.89
CA ALA A 34 9.08 8.07 -15.45
C ALA A 34 10.00 8.15 -14.23
N VAL A 35 9.84 7.24 -13.27
CA VAL A 35 10.72 7.25 -12.10
C VAL A 35 12.16 7.05 -12.54
N GLU A 36 12.38 6.13 -13.49
CA GLU A 36 13.74 5.80 -13.91
C GLU A 36 14.41 6.94 -14.68
N LYS A 37 13.68 8.02 -15.04
CA LYS A 37 14.35 9.21 -15.57
C LYS A 37 15.25 9.86 -14.54
N GLY A 38 15.06 9.57 -13.26
CA GLY A 38 15.96 10.04 -12.24
C GLY A 38 15.56 11.33 -11.56
N GLU A 39 14.57 12.04 -12.08
CA GLU A 39 14.08 13.24 -11.41
C GLU A 39 13.10 12.88 -10.30
N GLU A 40 13.02 13.75 -9.31
CA GLU A 40 12.01 13.58 -8.28
C GLU A 40 10.61 13.69 -8.89
N LEU A 41 9.63 13.14 -8.18
CA LEU A 41 8.24 13.12 -8.61
CA LEU A 41 8.26 13.16 -8.63
C LEU A 41 7.46 14.22 -7.89
N SER A 42 6.57 14.87 -8.64
CA SER A 42 5.62 15.81 -8.05
C SER A 42 4.53 15.04 -7.28
N CYS A 43 3.70 15.79 -6.54
CA CYS A 43 2.61 15.16 -5.79
C CYS A 43 1.69 14.36 -6.71
N GLU A 44 1.27 14.96 -7.83
CA GLU A 44 0.39 14.27 -8.76
C GLU A 44 1.07 13.03 -9.33
N GLU A 45 2.36 13.12 -9.63
CA GLU A 45 3.08 11.99 -10.20
C GLU A 45 3.23 10.85 -9.18
N ARG A 46 3.50 11.19 -7.91
CA ARG A 46 3.55 10.15 -6.88
C ARG A 46 2.22 9.44 -6.79
N ASN A 47 1.12 10.20 -6.89
CA ASN A 47 -0.17 9.55 -6.81
C ASN A 47 -0.45 8.68 -8.04
N LEU A 48 0.03 9.06 -9.23
CA LEU A 48 -0.11 8.18 -10.39
C LEU A 48 0.66 6.87 -10.19
N LEU A 49 1.88 6.96 -9.67
CA LEU A 49 2.67 5.78 -9.37
C LEU A 49 1.95 4.85 -8.41
N SER A 50 1.42 5.44 -7.33
CA SER A 50 0.73 4.66 -6.30
C SER A 50 -0.53 4.00 -6.86
N VAL A 51 -1.36 4.77 -7.57
CA VAL A 51 -2.60 4.20 -8.13
C VAL A 51 -2.27 3.02 -9.04
N ALA A 52 -1.24 3.18 -9.89
CA ALA A 52 -0.93 2.15 -10.88
C ALA A 52 -0.58 0.85 -10.18
N TYR A 53 0.41 0.88 -9.29
CA TYR A 53 0.86 -0.34 -8.66
C TYR A 53 -0.16 -0.87 -7.67
N LYS A 54 -0.95 0.00 -7.03
CA LYS A 54 -1.95 -0.52 -6.11
C LYS A 54 -2.98 -1.36 -6.83
N ASN A 55 -3.39 -0.93 -8.03
CA ASN A 55 -4.34 -1.70 -8.82
C ASN A 55 -3.72 -3.00 -9.31
N VAL A 56 -2.45 -2.97 -9.77
CA VAL A 56 -1.82 -4.20 -10.24
C VAL A 56 -1.71 -5.21 -9.13
N VAL A 57 -1.11 -4.82 -8.00
CA VAL A 57 -0.92 -5.77 -6.90
C VAL A 57 -2.26 -6.13 -6.30
N GLY A 58 -3.26 -5.24 -6.39
CA GLY A 58 -4.56 -5.58 -5.84
C GLY A 58 -5.20 -6.76 -6.56
N GLY A 59 -5.11 -6.78 -7.89
CA GLY A 59 -5.59 -7.93 -8.65
C GLY A 59 -4.83 -9.20 -8.30
N GLN A 60 -3.51 -9.10 -8.11
CA GLN A 60 -2.72 -10.27 -7.77
C GLN A 60 -3.08 -10.80 -6.40
N ARG A 61 -3.27 -9.89 -5.43
CA ARG A 61 -3.62 -10.31 -4.07
C ARG A 61 -4.98 -10.98 -4.04
N ALA A 62 -5.94 -10.43 -4.79
CA ALA A 62 -7.26 -11.04 -4.83
C ALA A 62 -7.18 -12.43 -5.44
N ALA A 63 -6.41 -12.59 -6.51
CA ALA A 63 -6.25 -13.92 -7.11
C ALA A 63 -5.54 -14.89 -6.17
N TRP A 64 -4.47 -14.43 -5.51
CA TRP A 64 -3.75 -15.27 -4.57
C TRP A 64 -4.66 -15.75 -3.44
N ARG A 65 -5.54 -14.88 -2.94
N ARG A 65 -5.56 -14.88 -2.94
CA ARG A 65 -6.46 -15.27 -1.88
CA ARG A 65 -6.46 -15.30 -1.87
C ARG A 65 -7.42 -16.36 -2.34
C ARG A 65 -7.44 -16.35 -2.34
N VAL A 66 -7.95 -16.23 -3.56
CA VAL A 66 -8.84 -17.25 -4.11
C VAL A 66 -8.11 -18.58 -4.18
N LEU A 67 -6.90 -18.56 -4.74
CA LEU A 67 -6.16 -19.80 -4.95
C LEU A 67 -5.68 -20.41 -3.63
N SER A 68 -5.26 -19.57 -2.68
CA SER A 68 -4.85 -20.09 -1.37
CA SER A 68 -4.85 -20.09 -1.38
C SER A 68 -6.02 -20.74 -0.66
N SER A 69 -7.21 -20.16 -0.76
CA SER A 69 -8.38 -20.74 -0.13
C SER A 69 -8.68 -22.11 -0.71
N ILE A 70 -8.61 -22.23 -2.05
CA ILE A 70 -8.82 -23.52 -2.70
C ILE A 70 -7.77 -24.52 -2.25
N GLU A 71 -6.52 -24.07 -2.15
CA GLU A 71 -5.44 -24.95 -1.73
C GLU A 71 -5.67 -25.43 -0.30
N GLN A 72 -6.10 -24.53 0.57
CA GLN A 72 -6.28 -24.93 1.97
C GLN A 72 -7.44 -25.91 2.11
N LYS A 73 -8.52 -25.69 1.35
CA LYS A 73 -9.62 -26.67 1.34
C LYS A 73 -9.16 -28.03 0.84
N SER A 74 -8.29 -28.04 -0.18
CA SER A 74 -7.78 -29.30 -0.72
C SER A 74 -6.99 -30.10 0.30
N ASN A 75 -6.54 -29.47 1.39
CA ASN A 75 -5.71 -30.12 2.40
C ASN A 75 -6.48 -30.42 3.68
N GLU A 76 -7.81 -30.40 3.63
CA GLU A 76 -8.62 -30.80 4.76
C GLU A 76 -9.00 -32.27 4.64
N GLU A 77 -9.40 -32.84 5.78
CA GLU A 77 -9.75 -34.26 5.82
C GLU A 77 -10.99 -34.53 4.99
N GLY A 78 -10.95 -35.61 4.20
CA GLY A 78 -12.03 -35.95 3.29
C GLY A 78 -11.91 -35.34 1.91
N SER A 79 -10.96 -34.43 1.71
CA SER A 79 -10.77 -33.79 0.42
C SER A 79 -10.06 -34.72 -0.54
N GLU A 80 -10.56 -34.79 -1.77
CA GLU A 80 -9.95 -35.64 -2.78
C GLU A 80 -8.61 -35.05 -3.21
N GLU A 81 -7.63 -35.94 -3.43
CA GLU A 81 -6.33 -35.52 -3.91
C GLU A 81 -6.43 -35.13 -5.39
N LYS A 82 -5.97 -33.92 -5.72
CA LYS A 82 -6.08 -33.42 -7.09
C LYS A 82 -4.73 -33.20 -7.76
N GLY A 83 -3.63 -33.56 -7.12
CA GLY A 83 -2.32 -33.38 -7.70
C GLY A 83 -1.73 -32.02 -7.39
N PRO A 84 -0.64 -31.66 -8.07
CA PRO A 84 0.13 -30.48 -7.70
C PRO A 84 -0.38 -29.17 -8.29
N GLU A 85 -1.45 -29.20 -9.08
CA GLU A 85 -1.77 -28.06 -9.92
C GLU A 85 -2.18 -26.84 -9.11
N VAL A 86 -2.97 -27.02 -8.05
CA VAL A 86 -3.42 -25.87 -7.26
C VAL A 86 -2.23 -25.17 -6.63
N ARG A 87 -1.34 -25.93 -5.99
CA ARG A 87 -0.13 -25.37 -5.40
C ARG A 87 0.72 -24.68 -6.47
N GLU A 88 0.92 -25.36 -7.61
CA GLU A 88 1.75 -24.78 -8.67
C GLU A 88 1.20 -23.44 -9.11
N TYR A 89 -0.11 -23.36 -9.33
CA TYR A 89 -0.64 -22.12 -9.87
C TYR A 89 -0.70 -21.02 -8.80
N ARG A 90 -1.00 -21.39 -7.55
CA ARG A 90 -0.86 -20.42 -6.46
C ARG A 90 0.57 -19.90 -6.37
N GLU A 91 1.56 -20.80 -6.51
CA GLU A 91 2.96 -20.37 -6.52
C GLU A 91 3.26 -19.44 -7.69
N LYS A 92 2.67 -19.70 -8.85
N LYS A 92 2.67 -19.70 -8.85
CA LYS A 92 2.89 -18.85 -10.01
CA LYS A 92 2.89 -18.85 -10.01
C LYS A 92 2.39 -17.43 -9.75
C LYS A 92 2.39 -17.44 -9.74
N VAL A 93 1.17 -17.31 -9.24
CA VAL A 93 0.62 -15.99 -8.93
C VAL A 93 1.42 -15.33 -7.82
N GLU A 94 1.80 -16.11 -6.80
CA GLU A 94 2.60 -15.60 -5.68
C GLU A 94 3.94 -15.04 -6.17
N THR A 95 4.60 -15.76 -7.06
CA THR A 95 5.89 -15.30 -7.57
C THR A 95 5.74 -14.00 -8.35
N GLU A 96 4.67 -13.89 -9.15
CA GLU A 96 4.46 -12.66 -9.90
CA GLU A 96 4.42 -12.67 -9.91
C GLU A 96 4.15 -11.49 -8.97
N LEU A 97 3.36 -11.77 -7.92
CA LEU A 97 3.08 -10.74 -6.90
CA LEU A 97 3.08 -10.77 -6.89
C LEU A 97 4.36 -10.29 -6.22
N GLN A 98 5.20 -11.23 -5.79
CA GLN A 98 6.46 -10.88 -5.18
C GLN A 98 7.32 -10.07 -6.13
N GLY A 99 7.24 -10.38 -7.42
CA GLY A 99 7.99 -9.61 -8.41
C GLY A 99 7.55 -8.15 -8.49
N VAL A 100 6.24 -7.92 -8.45
CA VAL A 100 5.74 -6.55 -8.45
C VAL A 100 6.18 -5.82 -7.18
N CYS A 101 6.06 -6.47 -6.02
CA CYS A 101 6.50 -5.82 -4.78
C CYS A 101 7.98 -5.49 -4.83
N ASP A 102 8.80 -6.43 -5.33
CA ASP A 102 10.23 -6.18 -5.44
C ASP A 102 10.52 -5.02 -6.38
N THR A 103 9.75 -4.92 -7.48
CA THR A 103 9.89 -3.80 -8.40
C THR A 103 9.61 -2.48 -7.70
N VAL A 104 8.49 -2.39 -6.97
CA VAL A 104 8.16 -1.13 -6.28
C VAL A 104 9.22 -0.82 -5.23
N LEU A 105 9.60 -1.82 -4.43
CA LEU A 105 10.60 -1.56 -3.41
C LEU A 105 11.92 -1.14 -4.03
N GLY A 106 12.24 -1.69 -5.21
CA GLY A 106 13.45 -1.29 -5.90
C GLY A 106 13.41 0.16 -6.35
N LEU A 107 12.25 0.64 -6.81
CA LEU A 107 12.15 2.04 -7.20
C LEU A 107 12.30 2.92 -5.98
N LEU A 108 11.74 2.49 -4.85
CA LEU A 108 11.85 3.30 -3.63
C LEU A 108 13.30 3.35 -3.15
N ASP A 109 14.03 2.25 -3.29
CA ASP A 109 15.42 2.23 -2.82
C ASP A 109 16.39 2.83 -3.81
N SER A 110 15.99 2.93 -5.08
CA SER A 110 16.87 3.43 -6.15
C SER A 110 16.10 4.37 -7.08
N HIS A 111 15.89 5.63 -6.69
CA HIS A 111 16.45 6.28 -5.51
C HIS A 111 15.43 7.22 -4.91
N LEU A 112 14.14 6.84 -4.94
CA LEU A 112 13.11 7.80 -4.55
C LEU A 112 13.23 8.24 -3.09
N ILE A 113 13.42 7.29 -2.16
CA ILE A 113 13.42 7.68 -0.75
C ILE A 113 14.62 8.58 -0.44
N LYS A 114 15.81 8.22 -0.92
CA LYS A 114 16.98 9.00 -0.50
C LYS A 114 16.94 10.43 -1.00
N GLU A 115 16.21 10.71 -2.08
CA GLU A 115 16.12 12.09 -2.54
C GLU A 115 14.93 12.84 -1.96
N ALA A 116 14.06 12.16 -1.22
CA ALA A 116 12.83 12.75 -0.71
C ALA A 116 13.11 13.46 0.62
N GLY A 117 13.06 14.79 0.58
CA GLY A 117 13.38 15.59 1.75
C GLY A 117 12.17 16.26 2.38
N ASP A 118 11.16 16.56 1.59
CA ASP A 118 9.98 17.19 2.16
C ASP A 118 9.13 16.14 2.84
N ALA A 119 8.40 16.56 3.89
CA ALA A 119 7.63 15.59 4.64
C ALA A 119 6.61 14.87 3.76
N GLU A 120 5.95 15.59 2.85
CA GLU A 120 4.88 14.97 2.06
C GLU A 120 5.43 13.89 1.15
N SER A 121 6.59 14.11 0.54
CA SER A 121 7.16 13.07 -0.30
CA SER A 121 7.17 13.07 -0.30
C SER A 121 7.76 11.94 0.53
N ARG A 122 8.51 12.27 1.58
CA ARG A 122 9.19 11.23 2.36
C ARG A 122 8.19 10.32 3.06
N VAL A 123 7.14 10.91 3.67
CA VAL A 123 6.12 10.08 4.32
C VAL A 123 5.40 9.22 3.29
N PHE A 124 5.06 9.79 2.13
CA PHE A 124 4.40 9.03 1.07
CA PHE A 124 4.40 9.02 1.08
C PHE A 124 5.22 7.79 0.69
N TYR A 125 6.52 7.98 0.45
CA TYR A 125 7.34 6.86 0.00
C TYR A 125 7.58 5.84 1.11
N LEU A 126 7.81 6.31 2.34
CA LEU A 126 8.02 5.35 3.42
C LEU A 126 6.75 4.54 3.70
N LYS A 127 5.57 5.17 3.60
CA LYS A 127 4.33 4.42 3.69
C LYS A 127 4.25 3.37 2.59
N MET A 128 4.60 3.76 1.36
CA MET A 128 4.59 2.81 0.25
C MET A 128 5.51 1.63 0.54
N LYS A 129 6.71 1.91 1.08
CA LYS A 129 7.64 0.84 1.44
C LYS A 129 7.00 -0.09 2.47
N GLY A 130 6.36 0.48 3.49
CA GLY A 130 5.62 -0.34 4.46
C GLY A 130 4.56 -1.20 3.79
N ASP A 131 3.80 -0.60 2.86
CA ASP A 131 2.70 -1.31 2.21
C ASP A 131 3.22 -2.51 1.43
N TYR A 132 4.29 -2.32 0.64
CA TYR A 132 4.70 -3.42 -0.23
C TYR A 132 5.47 -4.49 0.56
N TYR A 133 6.13 -4.14 1.67
CA TYR A 133 6.58 -5.20 2.57
C TYR A 133 5.39 -5.90 3.22
N ARG A 134 4.30 -5.17 3.51
CA ARG A 134 3.11 -5.81 4.05
C ARG A 134 2.51 -6.82 3.06
N TYR A 135 2.50 -6.49 1.77
CA TYR A 135 1.98 -7.43 0.77
C TYR A 135 2.91 -8.65 0.65
N LEU A 136 4.22 -8.44 0.75
CA LEU A 136 5.11 -9.58 0.83
C LEU A 136 4.81 -10.43 2.07
N ALA A 137 4.51 -9.78 3.19
CA ALA A 137 4.26 -10.53 4.44
C ALA A 137 2.99 -11.38 4.34
N GLU A 138 2.00 -10.92 3.57
CA GLU A 138 0.74 -11.66 3.43
C GLU A 138 0.95 -13.04 2.86
N VAL A 139 1.99 -13.22 2.03
CA VAL A 139 2.25 -14.51 1.40
C VAL A 139 3.48 -15.20 1.95
N ALA A 140 4.18 -14.60 2.89
CA ALA A 140 5.42 -15.16 3.40
C ALA A 140 5.16 -16.28 4.39
N THR A 141 5.93 -17.37 4.26
CA THR A 141 5.81 -18.53 5.14
C THR A 141 7.15 -19.08 5.61
N GLY A 142 8.27 -18.63 5.04
CA GLY A 142 9.57 -19.23 5.29
C GLY A 142 10.39 -18.49 6.33
N ASP A 143 11.70 -18.71 6.27
CA ASP A 143 12.64 -18.18 7.25
C ASP A 143 12.58 -16.66 7.34
N ASP A 144 12.11 -15.98 6.32
CA ASP A 144 12.21 -14.54 6.26
C ASP A 144 10.91 -13.83 6.58
N LYS A 145 9.85 -14.55 6.97
CA LYS A 145 8.60 -13.88 7.28
C LYS A 145 8.79 -12.85 8.39
N LYS A 146 9.53 -13.21 9.45
N LYS A 146 9.51 -13.22 9.46
CA LYS A 146 9.70 -12.26 10.54
CA LYS A 146 9.72 -12.28 10.55
C LYS A 146 10.49 -11.04 10.08
C LYS A 146 10.48 -11.05 10.07
N ARG A 147 11.49 -11.23 9.20
CA ARG A 147 12.26 -10.09 8.74
C ARG A 147 11.45 -9.20 7.82
N ILE A 148 10.58 -9.80 7.01
CA ILE A 148 9.70 -9.02 6.12
C ILE A 148 8.75 -8.17 6.95
N ILE A 149 8.15 -8.79 7.97
CA ILE A 149 7.26 -8.08 8.87
C ILE A 149 7.99 -6.94 9.55
N ASP A 150 9.22 -7.17 10.02
CA ASP A 150 9.92 -6.08 10.67
C ASP A 150 10.31 -4.96 9.69
N SER A 151 10.61 -5.30 8.43
CA SER A 151 10.84 -4.28 7.41
C SER A 151 9.61 -3.41 7.20
N ALA A 152 8.43 -4.03 7.14
CA ALA A 152 7.20 -3.24 7.01
C ALA A 152 7.03 -2.33 8.22
N ARG A 153 7.16 -2.91 9.42
CA ARG A 153 7.01 -2.14 10.65
CA ARG A 153 7.01 -2.15 10.65
C ARG A 153 7.97 -0.97 10.68
N SER A 154 9.24 -1.21 10.36
CA SER A 154 10.25 -0.16 10.41
C SER A 154 9.92 0.99 9.45
N ALA A 155 9.49 0.69 8.23
CA ALA A 155 9.16 1.74 7.28
C ALA A 155 7.95 2.53 7.75
N TYR A 156 6.91 1.83 8.22
CA TYR A 156 5.74 2.53 8.73
C TYR A 156 6.11 3.41 9.92
N GLN A 157 6.96 2.89 10.83
CA GLN A 157 7.30 3.66 12.02
C GLN A 157 8.06 4.92 11.66
N GLU A 158 9.04 4.82 10.76
CA GLU A 158 9.74 6.03 10.34
C GLU A 158 8.80 7.05 9.72
N ALA A 159 7.88 6.57 8.86
CA ALA A 159 6.88 7.45 8.27
C ALA A 159 6.02 8.10 9.34
N MET A 160 5.62 7.32 10.36
CA MET A 160 4.79 7.86 11.43
C MET A 160 5.54 8.95 12.18
N ASP A 161 6.80 8.70 12.50
CA ASP A 161 7.55 9.68 13.29
C ASP A 161 7.65 11.02 12.54
N ILE A 162 7.93 10.97 11.22
CA ILE A 162 7.98 12.19 10.42
C ILE A 162 6.60 12.85 10.38
N SER A 163 5.55 12.05 10.13
CA SER A 163 4.22 12.63 9.94
C SER A 163 3.74 13.32 11.22
N LYS A 164 4.08 12.77 12.39
CA LYS A 164 3.65 13.40 13.62
C LYS A 164 4.41 14.69 13.89
N LYS A 165 5.66 14.77 13.45
CA LYS A 165 6.45 15.99 13.66
CA LYS A 165 6.45 15.98 13.66
C LYS A 165 6.11 17.08 12.66
N GLU A 166 5.75 16.72 11.42
CA GLU A 166 5.73 17.66 10.31
C GLU A 166 4.37 17.93 9.70
N MET A 167 3.34 17.13 9.99
CA MET A 167 2.05 17.25 9.35
CA MET A 167 2.06 17.30 9.34
C MET A 167 0.94 17.43 10.37
N PRO A 168 -0.12 18.16 10.03
CA PRO A 168 -1.28 18.24 10.91
C PRO A 168 -1.99 16.90 10.98
N PRO A 169 -2.76 16.67 12.05
CA PRO A 169 -3.44 15.37 12.22
C PRO A 169 -4.47 15.09 11.17
N THR A 170 -4.92 16.09 10.42
CA THR A 170 -5.88 15.85 9.35
C THR A 170 -5.22 15.62 7.99
N ASN A 171 -3.90 15.74 7.88
CA ASN A 171 -3.27 15.64 6.58
C ASN A 171 -3.63 14.29 5.95
N PRO A 172 -4.18 14.26 4.72
CA PRO A 172 -4.60 12.96 4.15
C PRO A 172 -3.49 11.93 4.02
N ILE A 173 -2.24 12.35 3.79
CA ILE A 173 -1.16 11.38 3.72
C ILE A 173 -0.95 10.77 5.09
N ARG A 174 -0.92 11.61 6.13
CA ARG A 174 -0.79 11.13 7.50
C ARG A 174 -1.92 10.18 7.87
N LEU A 175 -3.16 10.55 7.53
CA LEU A 175 -4.29 9.70 7.84
C LEU A 175 -4.21 8.35 7.11
N GLY A 176 -3.84 8.36 5.83
CA GLY A 176 -3.75 7.10 5.09
C GLY A 176 -2.64 6.21 5.60
N LEU A 177 -1.53 6.84 6.03
CA LEU A 177 -0.47 6.07 6.67
C LEU A 177 -0.95 5.42 7.95
N ALA A 178 -1.62 6.17 8.81
CA ALA A 178 -2.13 5.59 10.06
C ALA A 178 -3.14 4.47 9.80
N LEU A 179 -4.05 4.70 8.86
CA LEU A 179 -4.97 3.64 8.45
C LEU A 179 -4.22 2.36 8.07
N ASN A 180 -3.26 2.47 7.14
CA ASN A 180 -2.56 1.26 6.69
C ASN A 180 -1.68 0.64 7.77
N PHE A 181 -1.06 1.46 8.63
CA PHE A 181 -0.30 0.89 9.74
C PHE A 181 -1.22 0.17 10.71
N SER A 182 -2.45 0.68 10.90
CA SER A 182 -3.39 -0.03 11.78
C SER A 182 -3.79 -1.36 11.16
N VAL A 183 -3.93 -1.41 9.82
CA VAL A 183 -4.22 -2.68 9.16
C VAL A 183 -3.06 -3.65 9.32
N PHE A 184 -1.82 -3.14 9.19
CA PHE A 184 -0.64 -3.95 9.47
C PHE A 184 -0.73 -4.58 10.87
N HIS A 185 -1.06 -3.77 11.88
CA HIS A 185 -1.09 -4.31 13.23
C HIS A 185 -2.15 -5.41 13.37
N TYR A 186 -3.32 -5.19 12.77
CA TYR A 186 -4.43 -6.13 12.95
C TYR A 186 -4.24 -7.41 12.14
N GLU A 187 -3.86 -7.27 10.86
CA GLU A 187 -3.87 -8.39 9.93
C GLU A 187 -2.53 -9.10 9.80
N ILE A 188 -1.42 -8.44 10.12
CA ILE A 188 -0.09 -8.99 9.92
C ILE A 188 0.61 -9.28 11.25
N ALA A 189 0.60 -8.31 12.17
CA ALA A 189 1.42 -8.36 13.38
C ALA A 189 0.72 -9.01 14.56
N ASN A 190 -0.49 -9.52 14.40
CA ASN A 190 -1.22 -10.17 15.49
C ASN A 190 -1.35 -9.23 16.69
N SER A 191 -1.58 -7.94 16.41
CA SER A 191 -1.65 -6.89 17.43
C SER A 191 -2.94 -6.11 17.30
N PRO A 192 -4.10 -6.76 17.48
CA PRO A 192 -5.37 -6.03 17.31
C PRO A 192 -5.52 -4.87 18.27
N GLU A 193 -5.01 -4.99 19.50
CA GLU A 193 -5.16 -3.86 20.42
C GLU A 193 -4.38 -2.64 19.93
N GLU A 194 -3.17 -2.84 19.41
CA GLU A 194 -2.41 -1.73 18.84
C GLU A 194 -3.14 -1.12 17.65
N ALA A 195 -3.73 -1.99 16.82
CA ALA A 195 -4.51 -1.51 15.67
C ALA A 195 -5.66 -0.62 16.11
N ILE A 196 -6.44 -1.07 17.10
CA ILE A 196 -7.58 -0.31 17.59
C ILE A 196 -7.13 1.00 18.22
N SER A 197 -6.09 0.96 19.06
CA SER A 197 -5.61 2.17 19.70
C SER A 197 -5.15 3.19 18.67
N LEU A 198 -4.35 2.74 17.70
CA LEU A 198 -3.88 3.65 16.66
C LEU A 198 -5.05 4.24 15.89
N ALA A 199 -6.03 3.42 15.53
CA ALA A 199 -7.11 3.95 14.71
C ALA A 199 -7.95 4.94 15.50
N LYS A 200 -8.19 4.65 16.79
CA LYS A 200 -8.97 5.53 17.65
C LYS A 200 -8.27 6.87 17.87
N THR A 201 -6.98 6.84 18.25
CA THR A 201 -6.24 8.09 18.49
CA THR A 201 -6.29 8.11 18.49
C THR A 201 -6.16 8.92 17.21
N THR A 202 -5.88 8.26 16.08
CA THR A 202 -5.82 8.98 14.81
C THR A 202 -7.15 9.65 14.50
N PHE A 203 -8.25 8.91 14.67
CA PHE A 203 -9.58 9.46 14.39
C PHE A 203 -9.86 10.67 15.27
N ASP A 204 -9.62 10.53 16.57
CA ASP A 204 -9.95 11.59 17.52
C ASP A 204 -9.11 12.84 17.31
N GLU A 205 -7.80 12.69 17.06
CA GLU A 205 -6.97 13.86 16.81
C GLU A 205 -7.32 14.54 15.50
N ALA A 206 -7.72 13.76 14.49
CA ALA A 206 -8.19 14.40 13.26
C ALA A 206 -9.49 15.16 13.50
N MET A 207 -10.45 14.53 14.20
CA MET A 207 -11.71 15.19 14.50
CA MET A 207 -11.71 15.18 14.54
C MET A 207 -11.48 16.58 15.08
N ALA A 208 -10.54 16.70 16.02
CA ALA A 208 -10.31 17.96 16.71
C ALA A 208 -9.58 19.01 15.87
N ASP A 209 -9.08 18.64 14.67
CA ASP A 209 -8.37 19.55 13.79
C ASP A 209 -9.19 19.91 12.55
N LEU A 210 -10.38 19.34 12.41
CA LEU A 210 -11.18 19.57 11.21
C LEU A 210 -11.60 21.03 11.10
N HIS A 211 -11.71 21.73 12.24
CA HIS A 211 -12.21 23.09 12.20
C HIS A 211 -11.27 24.02 11.47
N THR A 212 -10.02 23.61 11.25
CA THR A 212 -9.03 24.44 10.58
C THR A 212 -9.11 24.35 9.05
N LEU A 213 -9.93 23.45 8.53
CA LEU A 213 -9.89 23.06 7.14
C LEU A 213 -10.91 23.81 6.29
N SER A 214 -10.56 23.98 5.03
CA SER A 214 -11.51 24.37 4.01
C SER A 214 -12.51 23.25 3.76
N GLU A 215 -13.57 23.58 3.00
CA GLU A 215 -14.57 22.57 2.66
C GLU A 215 -13.96 21.42 1.87
N ASP A 216 -13.06 21.73 0.92
CA ASP A 216 -12.47 20.65 0.12
C ASP A 216 -11.53 19.78 0.96
N SER A 217 -10.69 20.38 1.80
CA SER A 217 -9.80 19.60 2.65
C SER A 217 -10.61 18.79 3.67
N TYR A 218 -11.68 19.39 4.19
CA TYR A 218 -12.58 18.67 5.09
CA TYR A 218 -12.55 18.65 5.11
C TYR A 218 -13.09 17.38 4.46
N LYS A 219 -13.47 17.45 3.20
CA LYS A 219 -13.94 16.26 2.50
CA LYS A 219 -13.95 16.27 2.48
C LYS A 219 -12.83 15.24 2.32
N ASP A 220 -11.62 15.68 1.95
CA ASP A 220 -10.50 14.75 1.81
C ASP A 220 -10.24 14.01 3.12
N SER A 221 -10.18 14.74 4.23
CA SER A 221 -9.83 14.16 5.52
C SER A 221 -10.92 13.24 6.04
N THR A 222 -12.19 13.67 5.97
CA THR A 222 -13.25 12.85 6.52
C THR A 222 -13.46 11.57 5.73
N LEU A 223 -13.15 11.57 4.42
CA LEU A 223 -13.25 10.31 3.67
C LEU A 223 -12.35 9.24 4.27
N ILE A 224 -11.14 9.62 4.66
CA ILE A 224 -10.22 8.61 5.22
C ILE A 224 -10.60 8.30 6.65
N MET A 225 -11.04 9.31 7.40
CA MET A 225 -11.52 9.05 8.76
C MET A 225 -12.63 8.01 8.77
N GLN A 226 -13.49 8.02 7.74
CA GLN A 226 -14.57 7.04 7.67
C GLN A 226 -14.04 5.61 7.58
N LEU A 227 -12.92 5.42 6.87
CA LEU A 227 -12.31 4.10 6.80
C LEU A 227 -11.76 3.66 8.15
N LEU A 228 -11.17 4.61 8.92
CA LEU A 228 -10.76 4.29 10.28
C LEU A 228 -11.96 3.82 11.10
N ARG A 229 -13.06 4.56 11.00
CA ARG A 229 -14.28 4.21 11.74
C ARG A 229 -14.84 2.86 11.28
N ASP A 230 -14.85 2.61 9.97
CA ASP A 230 -15.32 1.32 9.47
C ASP A 230 -14.53 0.17 10.08
N ASN A 231 -13.19 0.33 10.13
CA ASN A 231 -12.38 -0.73 10.72
C ASN A 231 -12.67 -0.87 12.21
N LEU A 232 -12.78 0.25 12.94
CA LEU A 232 -13.07 0.15 14.37
C LEU A 232 -14.38 -0.56 14.61
N THR A 233 -15.38 -0.33 13.76
CA THR A 233 -16.65 -1.05 13.86
C THR A 233 -16.47 -2.54 13.60
N LEU A 234 -15.62 -2.89 12.63
CA LEU A 234 -15.35 -4.29 12.36
C LEU A 234 -14.58 -4.95 13.50
N TRP A 235 -13.70 -4.21 14.17
CA TRP A 235 -12.75 -4.77 15.12
C TRP A 235 -13.28 -4.81 16.54
N THR A 236 -14.34 -4.08 16.85
CA THR A 236 -14.85 -3.97 18.21
C THR A 236 -16.34 -4.31 18.24
N PHE B 1 -16.09 -11.84 9.26
CA PHE B 1 -14.70 -11.41 9.32
C PHE B 1 -14.10 -11.10 7.94
N PRO B 2 -14.60 -10.07 7.28
CA PRO B 2 -13.92 -9.59 6.07
C PRO B 2 -12.64 -8.86 6.45
N GLN B 3 -11.74 -8.78 5.50
CA GLN B 3 -10.45 -8.18 5.79
C GLN B 3 -10.60 -6.69 6.09
N SER B 4 -9.77 -6.20 7.00
CA SER B 4 -9.75 -4.77 7.30
C SER B 4 -9.55 -3.97 6.02
N ALA B 5 -10.09 -2.76 6.00
CA ALA B 5 -9.99 -1.89 4.84
C ALA B 5 -8.73 -1.06 4.91
N SEP B 6 -7.86 -1.18 3.90
CA SEP B 6 -6.72 -0.26 3.81
CB SEP B 6 -5.46 -1.01 3.33
OG SEP B 6 -5.75 -1.47 2.03
C SEP B 6 -7.07 0.89 2.87
O SEP B 6 -8.20 0.98 2.38
P SEP B 6 -4.65 -2.44 1.37
O1P SEP B 6 -4.51 -3.74 2.24
O2P SEP B 6 -5.24 -2.73 -0.08
O3P SEP B 6 -3.26 -1.67 1.30
N LEU B 7 -6.14 1.80 2.61
CA LEU B 7 -6.42 2.97 1.79
C LEU B 7 -6.68 2.55 0.35
N PRO B 8 -7.84 2.88 -0.19
CA PRO B 8 -8.13 2.51 -1.58
C PRO B 8 -7.38 3.40 -2.55
N PRO B 9 -7.17 2.93 -3.78
CA PRO B 9 -6.63 3.80 -4.83
C PRO B 9 -7.66 4.83 -5.25
N TYR B 10 -7.35 6.10 -5.06
CA TYR B 10 -8.26 7.18 -5.36
C TYR B 10 -7.90 7.81 -6.70
MG MG C . 13.88 14.37 -22.16
MG MG D . 15.44 17.38 -0.73
MG MG E . -13.07 -39.25 -2.01
MG MG F . -8.51 -5.42 25.01
MG MG G . -18.80 -4.32 15.66
#